data_3FF0
#
_entry.id   3FF0
#
_cell.length_a   105.540
_cell.length_b   105.540
_cell.length_c   80.630
_cell.angle_alpha   90.000
_cell.angle_beta   90.000
_cell.angle_gamma   120.000
#
_symmetry.space_group_name_H-M   'P 32 2 1'
#
loop_
_entity.id
_entity.type
_entity.pdbx_description
1 polymer 'Phenazine biosynthesis protein phzB 2'
2 non-polymer 'UNKNOWN LIGAND'
3 non-polymer GLYCEROL
4 water water
#
_entity_poly.entity_id   1
_entity_poly.type   'polypeptide(L)'
_entity_poly.pdbx_seq_one_letter_code
;G(MSE)LDNAIPQGFEDAVELRRKNRETVVKY(MSE)NTKGQDRLRRHELFVEDGCGGLWTTDTGSPIVIRGKDKLAEHA
VWSLKCFPDWEWYNIKVFETDDPNHFWVECDGHGKILFPGYPEGYYENHFLHSFELDDGKIKRNREF(MSE)NVFQQLRA
LSIPVPQIKREGIPT
;
_entity_poly.pdbx_strand_id   A,B
#
loop_
_chem_comp.id
_chem_comp.type
_chem_comp.name
_chem_comp.formula
GOL non-polymer GLYCEROL 'C3 H8 O3'
UNL non-polymer 'UNKNOWN LIGAND' ?
#
# COMPACT_ATOMS: atom_id res chain seq x y z
N GLY A 1 -12.46 16.50 10.89
CA GLY A 1 -13.68 16.32 11.78
C GLY A 1 -14.88 17.17 11.31
N MSE A 2 -15.96 17.15 12.07
CA MSE A 2 -17.19 17.89 11.70
C MSE A 2 -17.06 19.42 11.35
O MSE A 2 -17.87 19.98 10.62
CB MSE A 2 -18.18 17.74 12.83
CG MSE A 2 -18.00 18.83 13.88
SE MSE A 2 -19.45 20.08 13.94
CE MSE A 2 -19.52 21.86 13.03
N LEU A 3 -16.03 20.10 11.91
CA LEU A 3 -15.78 21.54 11.66
C LEU A 3 -15.08 21.74 10.30
N ASP A 4 -14.68 20.64 9.68
CA ASP A 4 -13.98 20.67 8.39
C ASP A 4 -14.94 20.48 7.22
N ASN A 5 -16.24 20.30 7.50
CA ASN A 5 -17.24 19.97 6.46
C ASN A 5 -17.19 20.87 5.22
N ALA A 6 -16.90 22.17 5.39
CA ALA A 6 -16.86 23.12 4.29
C ALA A 6 -15.45 23.39 3.76
N ILE A 7 -14.45 22.61 4.15
CA ILE A 7 -13.09 22.86 3.68
C ILE A 7 -12.99 22.35 2.24
N PRO A 8 -12.52 23.20 1.33
CA PRO A 8 -12.46 22.76 -0.08
C PRO A 8 -11.47 21.61 -0.27
N GLN A 9 -11.91 20.62 -1.05
CA GLN A 9 -11.08 19.50 -1.46
C GLN A 9 -10.29 19.81 -2.74
N GLY A 10 -9.20 19.09 -2.91
CA GLY A 10 -8.42 19.19 -4.14
C GLY A 10 -7.41 20.31 -4.13
N PHE A 11 -6.87 20.57 -5.31
CA PHE A 11 -5.72 21.46 -5.46
C PHE A 11 -6.02 22.55 -6.49
N GLU A 12 -5.39 23.70 -6.36
CA GLU A 12 -5.68 24.83 -7.26
C GLU A 12 -4.66 25.00 -8.41
N ASP A 13 -3.58 24.22 -8.40
CA ASP A 13 -2.57 24.23 -9.48
C ASP A 13 -2.89 23.22 -10.58
N ALA A 14 -2.55 23.56 -11.82
CA ALA A 14 -2.56 22.60 -12.92
C ALA A 14 -3.89 21.88 -13.07
N VAL A 15 -4.98 22.63 -12.93
CA VAL A 15 -6.28 22.00 -12.79
C VAL A 15 -6.68 21.20 -14.04
N GLU A 16 -6.37 21.72 -15.22
CA GLU A 16 -6.70 21.03 -16.45
C GLU A 16 -5.92 19.70 -16.55
N LEU A 17 -4.64 19.70 -16.18
CA LEU A 17 -3.81 18.49 -16.17
C LEU A 17 -4.32 17.47 -15.15
N ARG A 18 -4.65 17.94 -13.95
CA ARG A 18 -5.26 17.08 -12.93
C ARG A 18 -6.54 16.41 -13.40
N ARG A 19 -7.44 17.18 -14.01
CA ARG A 19 -8.70 16.62 -14.51
C ARG A 19 -8.43 15.53 -15.57
N LYS A 20 -7.56 15.86 -16.51
CA LYS A 20 -7.15 14.96 -17.57
C LYS A 20 -6.56 13.66 -17.04
N ASN A 21 -5.59 13.80 -16.13
CA ASN A 21 -4.95 12.66 -15.52
C ASN A 21 -5.94 11.81 -14.73
N ARG A 22 -6.82 12.45 -13.97
CA ARG A 22 -7.78 11.73 -13.14
C ARG A 22 -8.74 10.92 -13.99
N GLU A 23 -9.19 11.55 -15.08
CA GLU A 23 -10.03 10.87 -16.04
C GLU A 23 -9.39 9.57 -16.54
N THR A 24 -8.08 9.61 -16.82
CA THR A 24 -7.37 8.41 -17.24
C THR A 24 -7.26 7.34 -16.17
N VAL A 25 -6.93 7.73 -14.95
CA VAL A 25 -6.90 6.82 -13.81
C VAL A 25 -8.27 6.16 -13.57
N VAL A 26 -9.32 6.95 -13.57
CA VAL A 26 -10.67 6.41 -13.44
C VAL A 26 -11.01 5.42 -14.60
N LYS A 27 -10.67 5.81 -15.81
CA LYS A 27 -10.88 4.94 -16.97
C LYS A 27 -10.16 3.59 -16.78
N TYR A 28 -8.91 3.66 -16.32
CA TYR A 28 -8.10 2.45 -16.04
C TYR A 28 -8.80 1.54 -15.00
N MSE A 29 -9.14 2.13 -13.84
CA MSE A 29 -9.82 1.43 -12.76
C MSE A 29 -11.18 0.85 -13.12
O MSE A 29 -11.57 -0.17 -12.56
CB MSE A 29 -9.99 2.33 -11.54
CG MSE A 29 -8.65 2.81 -10.96
SE MSE A 29 -7.40 1.40 -10.53
CE MSE A 29 -8.55 0.16 -9.52
N ASN A 30 -11.88 1.49 -14.06
CA ASN A 30 -13.15 0.99 -14.56
C ASN A 30 -13.04 -0.04 -15.68
N THR A 31 -11.83 -0.32 -16.17
CA THR A 31 -11.66 -1.25 -17.28
C THR A 31 -11.82 -2.68 -16.85
N LYS A 32 -12.80 -3.35 -17.45
CA LYS A 32 -13.02 -4.76 -17.20
C LYS A 32 -13.39 -5.49 -18.47
N GLY A 33 -13.38 -6.82 -18.35
CA GLY A 33 -13.72 -7.69 -19.45
C GLY A 33 -12.83 -7.47 -20.64
N GLN A 34 -13.44 -7.52 -21.82
CA GLN A 34 -12.76 -7.39 -23.10
C GLN A 34 -12.01 -6.08 -23.29
N ASP A 35 -12.50 -5.03 -22.64
CA ASP A 35 -11.83 -3.72 -22.66
C ASP A 35 -10.42 -3.81 -22.09
N ARG A 36 -10.15 -4.82 -21.26
CA ARG A 36 -8.78 -5.06 -20.76
C ARG A 36 -7.77 -5.26 -21.90
N LEU A 37 -8.22 -5.72 -23.06
CA LEU A 37 -7.31 -5.95 -24.19
C LEU A 37 -6.78 -4.64 -24.78
N ARG A 38 -7.50 -3.55 -24.54
CA ARG A 38 -7.09 -2.23 -25.01
C ARG A 38 -6.61 -1.28 -23.90
N ARG A 39 -6.49 -1.77 -22.65
CA ARG A 39 -6.10 -0.89 -21.54
C ARG A 39 -4.72 -0.25 -21.76
N HIS A 40 -3.84 -0.98 -22.44
CA HIS A 40 -2.50 -0.48 -22.81
C HIS A 40 -2.54 0.85 -23.59
N GLU A 41 -3.68 1.15 -24.22
CA GLU A 41 -3.84 2.39 -24.97
C GLU A 41 -3.89 3.61 -24.05
N LEU A 42 -3.99 3.41 -22.74
CA LEU A 42 -3.93 4.52 -21.80
C LEU A 42 -2.48 4.93 -21.46
N PHE A 43 -1.51 4.20 -22.00
CA PHE A 43 -0.11 4.36 -21.64
C PHE A 43 0.65 5.12 -22.72
N VAL A 44 1.71 5.80 -22.32
CA VAL A 44 2.75 6.24 -23.24
C VAL A 44 3.43 5.01 -23.85
N GLU A 45 4.08 5.22 -24.98
CA GLU A 45 4.60 4.11 -25.80
C GLU A 45 5.55 3.21 -25.03
N ASP A 46 6.43 3.83 -24.24
CA ASP A 46 7.36 3.09 -23.39
C ASP A 46 6.90 3.04 -21.93
N GLY A 47 5.59 3.16 -21.73
CA GLY A 47 4.98 3.05 -20.42
C GLY A 47 5.19 1.65 -19.87
N CYS A 48 5.07 1.53 -18.57
CA CYS A 48 5.26 0.23 -17.96
C CYS A 48 4.33 0.05 -16.75
N GLY A 49 4.20 -1.19 -16.33
CA GLY A 49 3.42 -1.48 -15.17
C GLY A 49 3.68 -2.85 -14.63
N GLY A 50 3.16 -3.11 -13.45
CA GLY A 50 3.30 -4.42 -12.88
C GLY A 50 3.13 -4.52 -11.39
N LEU A 51 3.69 -5.61 -10.84
CA LEU A 51 3.47 -5.97 -9.45
C LEU A 51 4.68 -5.63 -8.59
N TRP A 52 4.47 -4.77 -7.58
CA TRP A 52 5.56 -4.31 -6.74
C TRP A 52 5.72 -5.07 -5.43
N THR A 53 4.75 -5.93 -5.11
CA THR A 53 4.79 -6.77 -3.92
C THR A 53 4.83 -8.23 -4.42
N THR A 54 6.04 -8.79 -4.49
CA THR A 54 6.25 -10.09 -5.16
C THR A 54 6.97 -11.03 -4.19
N ASP A 55 6.92 -12.31 -4.54
CA ASP A 55 7.68 -13.37 -3.82
C ASP A 55 9.17 -13.24 -3.91
N THR A 56 9.68 -12.63 -4.97
CA THR A 56 11.11 -12.43 -5.11
C THR A 56 11.64 -11.22 -4.35
N GLY A 57 10.80 -10.25 -4.03
CA GLY A 57 11.30 -8.97 -3.52
C GLY A 57 11.46 -7.91 -4.62
N SER A 58 11.70 -8.36 -5.86
CA SER A 58 11.84 -7.45 -7.01
C SER A 58 10.51 -7.28 -7.74
N PRO A 59 10.24 -6.06 -8.23
CA PRO A 59 9.02 -5.89 -8.99
C PRO A 59 9.03 -6.76 -10.24
N ILE A 60 7.84 -7.16 -10.67
CA ILE A 60 7.63 -7.82 -11.94
C ILE A 60 7.06 -6.75 -12.84
N VAL A 61 7.87 -6.32 -13.79
CA VAL A 61 7.59 -5.14 -14.58
C VAL A 61 7.36 -5.54 -16.03
N ILE A 62 6.25 -5.06 -16.58
N ILE A 62 6.28 -5.04 -16.60
CA ILE A 62 5.93 -5.24 -17.98
CA ILE A 62 6.00 -5.25 -18.00
C ILE A 62 6.18 -3.91 -18.70
C ILE A 62 6.17 -3.92 -18.70
N ARG A 63 7.07 -3.91 -19.69
CA ARG A 63 7.55 -2.67 -20.30
C ARG A 63 7.17 -2.48 -21.73
N GLY A 64 6.53 -1.33 -22.01
CA GLY A 64 6.20 -0.92 -23.34
C GLY A 64 4.81 -1.40 -23.71
N LYS A 65 4.14 -0.64 -24.58
CA LYS A 65 2.75 -0.90 -24.95
C LYS A 65 2.53 -2.24 -25.59
N ASP A 66 3.47 -2.66 -26.43
CA ASP A 66 3.38 -3.96 -27.06
C ASP A 66 3.34 -5.08 -26.03
N LYS A 67 4.26 -5.04 -25.07
CA LYS A 67 4.27 -6.03 -23.97
C LYS A 67 3.07 -5.90 -23.03
N LEU A 68 2.61 -4.66 -22.79
CA LEU A 68 1.37 -4.45 -22.00
C LEU A 68 0.14 -5.08 -22.71
N ALA A 69 0.08 -4.92 -24.02
CA ALA A 69 -0.97 -5.52 -24.83
C ALA A 69 -0.92 -7.06 -24.71
N GLU A 70 0.26 -7.64 -24.85
CA GLU A 70 0.42 -9.11 -24.71
C GLU A 70 0.04 -9.56 -23.32
N HIS A 71 0.46 -8.79 -22.31
CA HIS A 71 0.13 -9.16 -20.95
C HIS A 71 -1.36 -9.18 -20.69
N ALA A 72 -2.12 -8.29 -21.34
CA ALA A 72 -3.56 -8.25 -21.20
C ALA A 72 -4.16 -9.61 -21.59
N VAL A 73 -3.59 -10.28 -22.60
CA VAL A 73 -4.09 -11.58 -23.04
C VAL A 73 -3.85 -12.63 -21.95
N TRP A 74 -2.65 -12.65 -21.40
CA TRP A 74 -2.32 -13.51 -20.27
C TRP A 74 -3.21 -13.22 -19.05
N SER A 75 -3.44 -11.94 -18.76
CA SER A 75 -4.33 -11.49 -17.68
C SER A 75 -5.79 -12.00 -17.84
N LEU A 76 -6.34 -11.86 -19.04
CA LEU A 76 -7.69 -12.36 -19.35
C LEU A 76 -7.77 -13.89 -19.25
N LYS A 77 -6.66 -14.57 -19.50
CA LYS A 77 -6.61 -16.00 -19.36
C LYS A 77 -6.63 -16.43 -17.89
N CYS A 78 -5.76 -15.81 -17.07
CA CYS A 78 -5.55 -16.25 -15.69
C CYS A 78 -6.50 -15.63 -14.68
N PHE A 79 -7.06 -14.47 -15.04
CA PHE A 79 -8.04 -13.77 -14.22
C PHE A 79 -9.23 -13.39 -15.12
N PRO A 80 -10.00 -14.40 -15.57
CA PRO A 80 -10.93 -14.17 -16.65
C PRO A 80 -12.06 -13.20 -16.33
N ASP A 81 -12.46 -13.08 -15.07
CA ASP A 81 -13.62 -12.25 -14.72
C ASP A 81 -13.26 -11.17 -13.70
N TRP A 82 -11.99 -10.83 -13.65
CA TRP A 82 -11.44 -9.90 -12.63
C TRP A 82 -12.14 -8.56 -12.61
N GLU A 83 -12.45 -8.07 -11.42
N GLU A 83 -12.51 -8.10 -11.43
CA GLU A 83 -12.99 -6.72 -11.25
CA GLU A 83 -13.03 -6.73 -11.26
C GLU A 83 -12.53 -6.03 -9.99
C GLU A 83 -12.39 -6.07 -10.04
N TRP A 84 -12.19 -4.75 -10.15
CA TRP A 84 -11.86 -3.90 -9.04
C TRP A 84 -13.17 -3.39 -8.44
N TYR A 85 -13.20 -3.14 -7.14
CA TYR A 85 -14.37 -2.59 -6.48
C TYR A 85 -13.94 -1.85 -5.23
N ASN A 86 -14.89 -1.15 -4.61
CA ASN A 86 -14.56 -0.29 -3.46
C ASN A 86 -13.43 0.66 -3.82
N ILE A 87 -13.55 1.28 -4.98
CA ILE A 87 -12.47 2.07 -5.53
C ILE A 87 -12.46 3.46 -4.92
N LYS A 88 -11.32 3.86 -4.40
CA LYS A 88 -11.10 5.21 -3.91
C LYS A 88 -9.86 5.85 -4.57
N VAL A 89 -10.08 6.98 -5.26
CA VAL A 89 -9.03 7.64 -6.05
C VAL A 89 -8.51 8.82 -5.23
N PHE A 90 -7.20 8.86 -5.04
CA PHE A 90 -6.52 9.96 -4.36
C PHE A 90 -5.68 10.75 -5.35
N GLU A 91 -6.01 12.03 -5.51
N GLU A 91 -6.01 12.04 -5.54
CA GLU A 91 -5.10 12.98 -6.13
CA GLU A 91 -5.06 12.96 -6.13
C GLU A 91 -3.98 13.24 -5.13
C GLU A 91 -3.94 13.16 -5.13
N THR A 92 -2.81 13.68 -5.60
CA THR A 92 -1.74 14.10 -4.70
C THR A 92 -1.29 15.52 -5.05
N ASP A 93 -0.37 16.05 -4.29
CA ASP A 93 0.17 17.37 -4.58
C ASP A 93 0.93 17.40 -5.91
N ASP A 94 1.38 16.24 -6.39
CA ASP A 94 1.89 16.11 -7.75
C ASP A 94 0.73 15.85 -8.70
N PRO A 95 0.46 16.77 -9.66
CA PRO A 95 -0.69 16.56 -10.56
C PRO A 95 -0.53 15.36 -11.49
N ASN A 96 0.68 14.80 -11.54
CA ASN A 96 0.98 13.62 -12.37
C ASN A 96 1.05 12.31 -11.59
N HIS A 97 0.78 12.34 -10.29
CA HIS A 97 0.85 11.13 -9.45
C HIS A 97 -0.46 10.95 -8.68
N PHE A 98 -1.09 9.78 -8.88
CA PHE A 98 -2.30 9.38 -8.21
C PHE A 98 -2.06 8.06 -7.45
N TRP A 99 -2.81 7.88 -6.36
CA TRP A 99 -2.93 6.61 -5.64
C TRP A 99 -4.38 6.18 -5.64
N VAL A 100 -4.59 4.88 -5.78
CA VAL A 100 -5.93 4.29 -5.75
C VAL A 100 -5.91 3.15 -4.74
N GLU A 101 -6.85 3.21 -3.81
CA GLU A 101 -7.09 2.11 -2.87
C GLU A 101 -8.37 1.40 -3.28
N CYS A 102 -8.32 0.07 -3.31
CA CYS A 102 -9.45 -0.72 -3.75
C CYS A 102 -9.31 -2.18 -3.34
N ASP A 103 -10.39 -2.91 -3.56
CA ASP A 103 -10.37 -4.36 -3.53
C ASP A 103 -10.46 -4.88 -4.95
N GLY A 104 -10.08 -6.13 -5.11
CA GLY A 104 -10.20 -6.78 -6.39
C GLY A 104 -10.48 -8.24 -6.16
N HIS A 105 -11.27 -8.82 -7.07
CA HIS A 105 -11.59 -10.24 -6.96
C HIS A 105 -11.98 -10.88 -8.28
N GLY A 106 -11.89 -12.20 -8.30
CA GLY A 106 -12.22 -13.01 -9.48
C GLY A 106 -11.58 -14.38 -9.38
N LYS A 107 -11.92 -15.25 -10.34
CA LYS A 107 -11.28 -16.55 -10.50
C LYS A 107 -9.81 -16.35 -10.77
N ILE A 108 -9.01 -17.27 -10.27
CA ILE A 108 -7.56 -17.28 -10.56
C ILE A 108 -7.28 -18.65 -11.18
N LEU A 109 -6.68 -18.61 -12.37
CA LEU A 109 -6.30 -19.79 -13.11
C LEU A 109 -4.85 -19.67 -13.56
N PHE A 110 -3.93 -20.02 -12.66
CA PHE A 110 -2.50 -20.04 -12.94
C PHE A 110 -2.12 -21.46 -13.31
N PRO A 111 -1.48 -21.67 -14.48
CA PRO A 111 -1.12 -23.03 -14.81
C PRO A 111 -0.19 -23.65 -13.77
N GLY A 112 -0.47 -24.89 -13.46
CA GLY A 112 0.26 -25.61 -12.45
C GLY A 112 -0.36 -25.48 -11.06
N TYR A 113 -1.35 -24.62 -10.89
CA TYR A 113 -2.04 -24.53 -9.61
C TYR A 113 -3.52 -24.86 -9.79
N PRO A 114 -4.15 -25.37 -8.71
CA PRO A 114 -5.59 -25.60 -8.80
C PRO A 114 -6.33 -24.27 -8.97
N GLU A 115 -7.45 -24.30 -9.68
CA GLU A 115 -8.32 -23.16 -9.78
C GLU A 115 -8.72 -22.66 -8.40
N GLY A 116 -8.71 -21.34 -8.25
CA GLY A 116 -9.22 -20.74 -7.02
C GLY A 116 -10.10 -19.54 -7.26
N TYR A 117 -10.49 -18.95 -6.14
CA TYR A 117 -11.10 -17.65 -6.12
C TYR A 117 -10.25 -16.69 -5.31
N TYR A 118 -9.91 -15.57 -5.92
CA TYR A 118 -8.87 -14.66 -5.44
C TYR A 118 -9.50 -13.34 -5.01
N GLU A 119 -9.27 -12.98 -3.77
N GLU A 119 -9.33 -12.97 -3.75
CA GLU A 119 -9.73 -11.77 -3.16
CA GLU A 119 -9.81 -11.71 -3.22
C GLU A 119 -8.51 -11.06 -2.60
C GLU A 119 -8.62 -11.04 -2.54
N ASN A 120 -8.34 -9.79 -2.93
CA ASN A 120 -7.21 -9.05 -2.36
C ASN A 120 -7.53 -7.56 -2.25
N HIS A 121 -6.74 -6.88 -1.44
CA HIS A 121 -6.81 -5.44 -1.24
C HIS A 121 -5.54 -4.83 -1.84
N PHE A 122 -5.74 -3.74 -2.59
CA PHE A 122 -4.74 -3.17 -3.47
C PHE A 122 -4.53 -1.72 -3.21
N LEU A 123 -3.28 -1.31 -3.30
CA LEU A 123 -2.93 0.08 -3.58
C LEU A 123 -2.31 0.15 -4.95
N HIS A 124 -2.75 1.10 -5.76
CA HIS A 124 -2.24 1.30 -7.11
C HIS A 124 -1.61 2.68 -7.16
N SER A 125 -0.37 2.76 -7.61
CA SER A 125 0.29 4.03 -7.91
C SER A 125 0.27 4.31 -9.39
N PHE A 126 -0.17 5.50 -9.78
CA PHE A 126 -0.18 5.91 -11.19
C PHE A 126 0.65 7.17 -11.35
N GLU A 127 1.64 7.10 -12.23
CA GLU A 127 2.38 8.25 -12.70
C GLU A 127 2.08 8.48 -14.17
N LEU A 128 1.70 9.72 -14.49
CA LEU A 128 1.17 10.07 -15.79
C LEU A 128 1.98 11.17 -16.46
N ASP A 129 1.73 11.35 -17.74
CA ASP A 129 2.31 12.43 -18.55
C ASP A 129 1.18 12.87 -19.46
N ASP A 130 0.64 14.04 -19.17
CA ASP A 130 -0.40 14.68 -20.01
C ASP A 130 -1.53 13.74 -20.40
N GLY A 131 -2.07 13.02 -19.42
CA GLY A 131 -3.24 12.16 -19.63
C GLY A 131 -2.94 10.70 -19.97
N LYS A 132 -1.67 10.35 -20.15
CA LYS A 132 -1.25 8.98 -20.41
C LYS A 132 -0.39 8.46 -19.28
N ILE A 133 -0.52 7.16 -19.01
CA ILE A 133 0.23 6.49 -17.95
C ILE A 133 1.67 6.18 -18.37
N LYS A 134 2.61 6.66 -17.56
CA LYS A 134 4.03 6.33 -17.66
C LYS A 134 4.32 5.05 -16.86
N ARG A 135 3.75 4.95 -15.67
CA ARG A 135 3.95 3.76 -14.83
C ARG A 135 2.81 3.51 -13.86
N ASN A 136 2.41 2.23 -13.80
N ASN A 136 2.31 2.26 -13.85
CA ASN A 136 1.47 1.80 -12.79
CA ASN A 136 1.43 1.76 -12.78
C ASN A 136 2.02 0.64 -11.96
C ASN A 136 2.16 0.71 -11.96
N ARG A 137 1.96 0.78 -10.65
CA ARG A 137 2.56 -0.16 -9.71
C ARG A 137 1.44 -0.67 -8.82
N GLU A 138 1.28 -1.99 -8.74
CA GLU A 138 0.33 -2.63 -7.85
C GLU A 138 0.99 -3.14 -6.58
N PHE A 139 0.35 -2.87 -5.45
CA PHE A 139 0.79 -3.29 -4.12
C PHE A 139 -0.40 -4.03 -3.46
N MSE A 140 -0.19 -5.25 -3.04
CA MSE A 140 -1.27 -6.05 -2.45
C MSE A 140 -0.73 -6.95 -1.36
O MSE A 140 0.46 -6.92 -1.06
CB MSE A 140 -2.07 -6.83 -3.51
CG MSE A 140 -1.29 -7.66 -4.58
SE MSE A 140 -0.12 -8.99 -3.81
CE MSE A 140 0.00 -10.27 -5.25
N ASN A 141 -1.61 -7.72 -0.73
CA ASN A 141 -1.23 -8.63 0.34
C ASN A 141 -0.89 -9.96 -0.27
N VAL A 142 0.40 -10.30 -0.28
N VAL A 142 0.40 -10.31 -0.28
CA VAL A 142 0.87 -11.49 -1.00
CA VAL A 142 0.85 -11.50 -1.01
C VAL A 142 0.31 -12.83 -0.47
C VAL A 142 0.17 -12.78 -0.50
N PHE A 143 -0.11 -12.88 0.78
N PHE A 143 -0.04 -12.87 0.81
CA PHE A 143 -0.69 -14.12 1.34
CA PHE A 143 -0.68 -14.05 1.42
C PHE A 143 -2.10 -14.41 0.83
C PHE A 143 -2.07 -14.39 0.84
N GLN A 144 -2.82 -13.37 0.43
CA GLN A 144 -4.13 -13.58 -0.19
C GLN A 144 -3.99 -14.35 -1.51
N GLN A 145 -2.91 -14.09 -2.24
CA GLN A 145 -2.69 -14.82 -3.51
C GLN A 145 -2.25 -16.27 -3.25
N LEU A 146 -1.39 -16.48 -2.24
CA LEU A 146 -1.03 -17.86 -1.82
C LEU A 146 -2.29 -18.68 -1.52
N ARG A 147 -3.21 -18.09 -0.78
N ARG A 147 -3.19 -18.10 -0.74
N ARG A 147 -3.23 -18.09 -0.81
CA ARG A 147 -4.46 -18.76 -0.42
CA ARG A 147 -4.44 -18.74 -0.32
CA ARG A 147 -4.51 -18.77 -0.50
C ARG A 147 -5.28 -19.16 -1.66
C ARG A 147 -5.33 -19.03 -1.54
C ARG A 147 -5.28 -19.19 -1.75
N ALA A 148 -5.46 -18.20 -2.56
N ALA A 148 -5.35 -18.11 -2.51
CA ALA A 148 -6.21 -18.42 -3.79
CA ALA A 148 -6.11 -18.30 -3.75
C ALA A 148 -5.53 -19.40 -4.72
C ALA A 148 -5.55 -19.45 -4.59
N LEU A 149 -4.21 -19.59 -4.57
CA LEU A 149 -3.49 -20.62 -5.34
C LEU A 149 -3.33 -21.94 -4.57
N SER A 150 -3.95 -22.01 -3.39
CA SER A 150 -3.88 -23.20 -2.50
C SER A 150 -2.42 -23.53 -2.08
N ILE A 151 -1.57 -22.52 -2.05
CA ILE A 151 -0.18 -22.67 -1.58
C ILE A 151 -0.21 -22.50 -0.05
N PRO A 152 0.32 -23.48 0.70
CA PRO A 152 0.26 -23.33 2.18
C PRO A 152 0.85 -21.99 2.67
N VAL A 153 0.17 -21.30 3.57
CA VAL A 153 0.61 -20.00 4.08
C VAL A 153 1.55 -20.17 5.31
N PRO A 154 2.79 -19.67 5.23
CA PRO A 154 3.65 -19.77 6.42
C PRO A 154 3.06 -18.92 7.54
N GLN A 155 3.02 -19.42 8.77
CA GLN A 155 2.47 -18.59 9.87
C GLN A 155 3.58 -18.06 10.80
N ILE A 156 3.50 -16.77 11.09
CA ILE A 156 4.46 -16.10 11.97
C ILE A 156 3.80 -15.93 13.34
N LYS A 157 4.36 -16.52 14.39
CA LYS A 157 3.96 -16.13 15.76
C LYS A 157 4.62 -14.81 16.17
N ARG A 158 3.85 -13.87 16.73
CA ARG A 158 4.41 -12.62 17.31
C ARG A 158 4.32 -12.61 18.85
N GLU A 159 5.01 -13.58 19.48
CA GLU A 159 4.90 -13.81 20.93
C GLU A 159 5.15 -12.53 21.73
N GLY A 160 4.20 -12.22 22.62
CA GLY A 160 4.24 -11.05 23.50
C GLY A 160 3.62 -9.76 22.96
N ILE A 161 3.18 -9.75 21.69
CA ILE A 161 2.57 -8.54 21.10
C ILE A 161 1.34 -8.17 21.96
N PRO A 162 1.25 -6.90 22.42
CA PRO A 162 0.06 -6.38 23.13
C PRO A 162 -1.31 -6.65 22.44
N GLY B 10 -12.93 28.24 2.22
CA GLY B 10 -11.79 28.83 1.46
C GLY B 10 -10.57 27.91 1.36
N PHE B 11 -9.83 28.06 0.26
N PHE B 11 -9.83 28.05 0.26
CA PHE B 11 -8.62 27.26 0.02
CA PHE B 11 -8.63 27.25 0.04
C PHE B 11 -7.51 27.57 1.04
C PHE B 11 -7.51 27.57 1.04
N GLU B 12 -7.52 28.78 1.62
CA GLU B 12 -6.51 29.15 2.64
C GLU B 12 -6.65 28.24 3.88
N ASP B 13 -7.89 27.84 4.18
CA ASP B 13 -8.17 26.95 5.30
C ASP B 13 -7.70 25.51 4.98
N ALA B 14 -7.95 25.06 3.74
CA ALA B 14 -7.40 23.81 3.24
C ALA B 14 -5.87 23.82 3.34
N VAL B 15 -5.25 24.90 2.86
CA VAL B 15 -3.80 25.00 2.87
C VAL B 15 -3.18 24.93 4.27
N GLU B 16 -3.76 25.63 5.26
CA GLU B 16 -3.19 25.63 6.59
C GLU B 16 -3.37 24.28 7.20
N LEU B 17 -4.53 23.67 6.99
CA LEU B 17 -4.80 22.34 7.56
C LEU B 17 -3.85 21.32 6.99
N ARG B 18 -3.71 21.32 5.65
CA ARG B 18 -2.84 20.42 4.99
C ARG B 18 -1.40 20.57 5.51
N ARG B 19 -0.96 21.81 5.71
CA ARG B 19 0.40 22.06 6.16
C ARG B 19 0.63 21.52 7.59
N LYS B 20 -0.31 21.78 8.48
CA LYS B 20 -0.22 21.32 9.85
C LYS B 20 -0.21 19.80 9.93
N ASN B 21 -1.14 19.19 9.18
CA ASN B 21 -1.19 17.72 9.11
C ASN B 21 0.09 17.12 8.55
N ARG B 22 0.63 17.73 7.49
CA ARG B 22 1.85 17.28 6.91
C ARG B 22 3.00 17.29 7.92
N GLU B 23 3.08 18.34 8.73
N GLU B 23 3.08 18.35 8.73
CA GLU B 23 4.13 18.41 9.76
CA GLU B 23 4.11 18.41 9.77
C GLU B 23 4.05 17.22 10.74
C GLU B 23 4.05 17.20 10.71
N THR B 24 2.84 16.84 11.12
CA THR B 24 2.65 15.69 12.02
C THR B 24 3.03 14.36 11.37
N VAL B 25 2.65 14.17 10.10
CA VAL B 25 3.05 12.99 9.32
C VAL B 25 4.60 12.88 9.25
N VAL B 26 5.26 13.98 8.94
CA VAL B 26 6.73 14.04 8.86
C VAL B 26 7.36 13.72 10.23
N LYS B 27 6.84 14.33 11.30
CA LYS B 27 7.29 14.05 12.67
C LYS B 27 7.19 12.54 12.95
N TYR B 28 6.05 11.94 12.58
CA TYR B 28 5.88 10.51 12.77
C TYR B 28 6.98 9.68 12.05
N MSE B 29 7.13 9.94 10.75
CA MSE B 29 8.09 9.25 9.90
C MSE B 29 9.52 9.40 10.38
O MSE B 29 10.32 8.47 10.24
CB MSE B 29 7.96 9.69 8.45
CG MSE B 29 6.55 9.34 7.82
SE MSE B 29 5.95 7.58 7.99
CE MSE B 29 7.56 6.65 7.32
N ASN B 30 9.82 10.52 11.05
CA ASN B 30 11.18 10.79 11.54
C ASN B 30 11.43 10.21 12.93
N THR B 31 10.39 9.67 13.58
CA THR B 31 10.48 9.24 14.97
C THR B 31 11.25 7.91 14.98
N LYS B 32 12.32 7.93 15.75
CA LYS B 32 13.19 6.80 15.95
C LYS B 32 13.81 6.77 17.34
N GLY B 33 14.42 5.63 17.66
CA GLY B 33 15.08 5.43 18.94
C GLY B 33 14.11 5.52 20.10
N GLN B 34 14.58 6.07 21.20
CA GLN B 34 13.76 6.14 22.41
C GLN B 34 12.50 7.02 22.23
N ASP B 35 12.51 7.92 21.26
CA ASP B 35 11.35 8.74 20.92
C ASP B 35 10.17 7.92 20.46
N ARG B 36 10.42 6.70 20.02
CA ARG B 36 9.32 5.80 19.65
C ARG B 36 8.36 5.54 20.81
N LEU B 37 8.88 5.61 22.03
CA LEU B 37 8.09 5.49 23.26
C LEU B 37 7.02 6.60 23.41
N ARG B 38 7.27 7.75 22.80
CA ARG B 38 6.32 8.88 22.79
C ARG B 38 5.59 9.18 21.48
N ARG B 39 5.72 8.32 20.48
CA ARG B 39 5.12 8.54 19.19
C ARG B 39 3.58 8.57 19.27
N HIS B 40 3.01 7.87 20.26
CA HIS B 40 1.55 7.91 20.54
C HIS B 40 1.02 9.33 20.87
N GLU B 41 1.88 10.24 21.28
CA GLU B 41 1.52 11.61 21.58
C GLU B 41 1.06 12.35 20.35
N LEU B 42 1.40 11.85 19.16
CA LEU B 42 0.93 12.44 17.90
C LEU B 42 -0.54 12.12 17.56
N PHE B 43 -1.14 11.23 18.34
CA PHE B 43 -2.49 10.72 18.07
C PHE B 43 -3.56 11.35 18.93
N VAL B 44 -4.79 11.29 18.43
CA VAL B 44 -5.97 11.49 19.26
C VAL B 44 -6.09 10.27 20.23
N GLU B 45 -6.83 10.45 21.32
CA GLU B 45 -6.93 9.39 22.37
C GLU B 45 -7.50 8.08 21.81
N ASP B 46 -8.44 8.24 20.90
CA ASP B 46 -9.11 7.15 20.17
C ASP B 46 -8.33 6.73 18.90
N GLY B 47 -7.10 7.20 18.77
CA GLY B 47 -6.31 6.91 17.58
C GLY B 47 -5.98 5.42 17.49
N CYS B 48 -5.80 4.92 16.27
N CYS B 48 -5.67 5.00 16.27
N CYS B 48 -5.72 5.00 16.24
CA CYS B 48 -5.40 3.52 16.11
CA CYS B 48 -5.47 3.59 15.97
CA CYS B 48 -5.47 3.61 15.90
C CYS B 48 -4.39 3.38 15.00
C CYS B 48 -4.32 3.44 15.00
C CYS B 48 -4.23 3.49 15.05
N GLY B 49 -3.54 2.37 15.16
CA GLY B 49 -2.48 2.07 14.22
C GLY B 49 -2.46 0.57 13.98
N GLY B 50 -1.51 0.15 13.16
CA GLY B 50 -1.27 -1.27 12.93
C GLY B 50 -0.95 -1.64 11.51
N LEU B 51 -1.04 -2.95 11.26
CA LEU B 51 -0.51 -3.58 10.05
C LEU B 51 -1.69 -4.15 9.25
N TRP B 52 -1.84 -3.68 8.01
CA TRP B 52 -2.98 -4.06 7.18
C TRP B 52 -2.65 -5.11 6.11
N THR B 53 -1.41 -5.58 6.07
CA THR B 53 -1.01 -6.69 5.22
C THR B 53 -0.46 -7.79 6.13
N THR B 54 -1.31 -8.72 6.48
CA THR B 54 -0.99 -9.76 7.45
C THR B 54 -1.24 -11.14 6.88
N ASP B 55 -0.69 -12.13 7.56
CA ASP B 55 -0.91 -13.55 7.17
C ASP B 55 -2.33 -14.06 7.25
N THR B 56 -3.15 -13.49 8.11
CA THR B 56 -4.52 -13.92 8.23
C THR B 56 -5.44 -13.23 7.26
N GLY B 57 -5.03 -12.08 6.75
CA GLY B 57 -5.93 -11.20 6.02
C GLY B 57 -6.73 -10.26 6.89
N SER B 58 -6.60 -10.40 8.23
CA SER B 58 -7.25 -9.48 9.18
C SER B 58 -6.16 -8.57 9.76
N PRO B 59 -6.42 -7.27 9.81
CA PRO B 59 -5.35 -6.37 10.23
C PRO B 59 -5.02 -6.52 11.74
N ILE B 60 -3.78 -6.21 12.07
CA ILE B 60 -3.39 -6.18 13.47
C ILE B 60 -3.66 -4.74 13.85
N VAL B 61 -4.68 -4.53 14.66
CA VAL B 61 -5.17 -3.19 14.99
C VAL B 61 -4.76 -2.86 16.42
N ILE B 62 -4.08 -1.73 16.56
N ILE B 62 -4.00 -1.79 16.57
CA ILE B 62 -3.61 -1.21 17.83
CA ILE B 62 -3.65 -1.27 17.87
C ILE B 62 -4.46 0.03 18.18
C ILE B 62 -4.51 -0.02 18.11
N ARG B 63 -5.51 -0.16 18.97
CA ARG B 63 -6.51 0.88 19.21
C ARG B 63 -6.41 1.58 20.55
N GLY B 64 -6.30 2.92 20.48
CA GLY B 64 -6.28 3.76 21.64
C GLY B 64 -4.85 4.16 21.95
N LYS B 65 -4.67 5.38 22.44
CA LYS B 65 -3.35 5.92 22.74
C LYS B 65 -2.63 5.05 23.79
N ASP B 66 -3.39 4.53 24.75
N ASP B 66 -3.34 4.49 24.77
CA ASP B 66 -2.82 3.64 25.75
CA ASP B 66 -2.66 3.64 25.75
C ASP B 66 -2.14 2.40 25.12
C ASP B 66 -2.11 2.35 25.13
N LYS B 67 -2.87 1.72 24.24
CA LYS B 67 -2.36 0.54 23.53
C LYS B 67 -1.23 0.90 22.56
N LEU B 68 -1.29 2.05 21.92
CA LEU B 68 -0.19 2.49 21.08
C LEU B 68 1.10 2.67 21.92
N ALA B 69 0.98 3.30 23.09
CA ALA B 69 2.13 3.46 24.01
C ALA B 69 2.73 2.10 24.44
N GLU B 70 1.87 1.13 24.72
N GLU B 70 1.86 1.15 24.73
CA GLU B 70 2.30 -0.20 25.15
CA GLU B 70 2.24 -0.20 25.15
C GLU B 70 2.92 -1.01 24.01
C GLU B 70 2.95 -0.93 24.01
N HIS B 71 2.36 -0.86 22.81
CA HIS B 71 2.92 -1.48 21.62
C HIS B 71 4.31 -0.95 21.28
N ALA B 72 4.55 0.33 21.55
CA ALA B 72 5.86 0.93 21.31
C ALA B 72 6.95 0.22 22.09
N VAL B 73 6.64 -0.22 23.31
CA VAL B 73 7.59 -0.96 24.13
C VAL B 73 7.96 -2.28 23.48
N TRP B 74 6.94 -3.02 23.02
CA TRP B 74 7.15 -4.27 22.27
C TRP B 74 7.93 -4.01 20.97
N SER B 75 7.61 -2.90 20.31
CA SER B 75 8.26 -2.54 19.06
C SER B 75 9.78 -2.27 19.23
N LEU B 76 10.13 -1.53 20.28
CA LEU B 76 11.50 -1.26 20.63
C LEU B 76 12.28 -2.51 21.06
N LYS B 77 11.60 -3.49 21.63
CA LYS B 77 12.22 -4.79 21.94
C LYS B 77 12.46 -5.62 20.67
N CYS B 78 11.46 -5.73 19.80
CA CYS B 78 11.59 -6.60 18.63
C CYS B 78 12.28 -5.99 17.42
N PHE B 79 12.20 -4.66 17.30
CA PHE B 79 12.84 -3.93 16.21
C PHE B 79 13.63 -2.78 16.85
N PRO B 80 14.72 -3.14 17.53
CA PRO B 80 15.35 -2.17 18.42
C PRO B 80 15.99 -0.96 17.75
N ASP B 81 16.38 -1.08 16.48
CA ASP B 81 17.14 -0.03 15.76
C ASP B 81 16.42 0.46 14.50
N TRP B 82 15.12 0.20 14.46
CA TRP B 82 14.32 0.45 13.28
C TRP B 82 14.38 1.91 12.80
N GLU B 83 14.55 2.09 11.48
N GLU B 83 14.61 2.10 11.50
CA GLU B 83 14.43 3.40 10.86
CA GLU B 83 14.45 3.41 10.84
C GLU B 83 13.71 3.32 9.52
C GLU B 83 13.65 3.29 9.54
N TRP B 84 12.80 4.28 9.30
CA TRP B 84 12.22 4.54 8.00
C TRP B 84 13.19 5.39 7.17
N TYR B 85 13.24 5.19 5.85
CA TYR B 85 14.15 5.93 5.00
C TYR B 85 13.58 5.96 3.58
N ASN B 86 14.13 6.82 2.72
CA ASN B 86 13.56 7.04 1.37
C ASN B 86 12.08 7.41 1.48
N ILE B 87 11.82 8.38 2.35
CA ILE B 87 10.45 8.75 2.68
C ILE B 87 9.88 9.75 1.71
N LYS B 88 8.74 9.38 1.11
CA LYS B 88 8.06 10.17 0.09
C LYS B 88 6.64 10.41 0.59
N VAL B 89 6.38 11.66 0.90
CA VAL B 89 5.12 12.07 1.51
C VAL B 89 4.21 12.61 0.41
N PHE B 90 3.01 12.04 0.31
CA PHE B 90 1.98 12.49 -0.62
C PHE B 90 0.81 13.10 0.13
N GLU B 91 0.60 14.40 -0.06
CA GLU B 91 -0.65 15.08 0.25
C GLU B 91 -1.70 14.46 -0.67
N THR B 92 -2.96 14.54 -0.27
CA THR B 92 -4.04 14.16 -1.17
C THR B 92 -5.05 15.28 -1.29
N ASP B 93 -6.04 15.06 -2.13
CA ASP B 93 -7.14 16.01 -2.28
C ASP B 93 -7.91 16.29 -0.98
N ASP B 94 -7.89 15.33 -0.03
CA ASP B 94 -8.40 15.50 1.34
C ASP B 94 -7.26 16.03 2.22
N PRO B 95 -7.40 17.25 2.73
CA PRO B 95 -6.35 17.79 3.62
C PRO B 95 -6.06 16.94 4.86
N ASN B 96 -6.95 16.02 5.20
CA ASN B 96 -6.81 15.13 6.35
C ASN B 96 -6.26 13.74 6.05
N HIS B 97 -5.99 13.45 4.77
CA HIS B 97 -5.48 12.15 4.35
C HIS B 97 -4.17 12.29 3.62
N PHE B 98 -3.21 11.48 4.02
CA PHE B 98 -1.87 11.43 3.44
C PHE B 98 -1.49 9.97 3.15
N TRP B 99 -0.63 9.79 2.15
CA TRP B 99 0.05 8.52 1.92
C TRP B 99 1.54 8.78 1.99
N VAL B 100 2.25 7.82 2.57
CA VAL B 100 3.71 7.87 2.61
C VAL B 100 4.26 6.58 2.03
N GLU B 101 5.14 6.71 1.04
CA GLU B 101 5.87 5.56 0.52
C GLU B 101 7.28 5.64 1.09
N CYS B 102 7.77 4.53 1.60
CA CYS B 102 9.10 4.51 2.12
C CYS B 102 9.69 3.11 2.19
N ASP B 103 10.97 3.08 2.57
CA ASP B 103 11.62 1.83 2.96
C ASP B 103 11.76 1.82 4.49
N GLY B 104 11.98 0.63 5.03
CA GLY B 104 12.23 0.49 6.45
C GLY B 104 13.13 -0.68 6.67
N HIS B 105 14.00 -0.56 7.65
CA HIS B 105 14.95 -1.63 7.97
C HIS B 105 15.51 -1.56 9.38
N GLY B 106 16.00 -2.73 9.80
CA GLY B 106 16.64 -2.88 11.11
C GLY B 106 16.67 -4.35 11.51
N LYS B 107 17.27 -4.61 12.64
CA LYS B 107 17.29 -5.93 13.25
C LYS B 107 15.86 -6.34 13.59
N ILE B 108 15.61 -7.64 13.46
CA ILE B 108 14.36 -8.23 13.95
C ILE B 108 14.69 -9.32 15.00
N LEU B 109 14.06 -9.18 16.16
CA LEU B 109 14.18 -10.12 17.28
C LEU B 109 12.77 -10.59 17.68
N PHE B 110 12.25 -11.60 16.99
CA PHE B 110 10.98 -12.23 17.39
C PHE B 110 11.32 -13.48 18.20
N PRO B 111 10.69 -13.62 19.38
CA PRO B 111 10.86 -14.85 20.16
C PRO B 111 10.48 -16.06 19.31
N GLY B 112 11.34 -17.06 19.32
CA GLY B 112 11.09 -18.28 18.57
C GLY B 112 11.77 -18.33 17.22
N TYR B 113 12.39 -17.22 16.81
CA TYR B 113 13.12 -17.16 15.55
C TYR B 113 14.52 -16.66 15.77
N PRO B 114 15.42 -16.98 14.85
CA PRO B 114 16.80 -16.47 14.93
C PRO B 114 16.80 -14.96 14.74
N GLU B 115 17.66 -14.22 15.45
CA GLU B 115 17.84 -12.83 15.14
C GLU B 115 18.14 -12.69 13.66
N GLY B 116 17.54 -11.68 13.03
CA GLY B 116 17.68 -11.49 11.59
C GLY B 116 17.76 -10.01 11.29
N TYR B 117 17.92 -9.70 10.01
CA TYR B 117 17.94 -8.34 9.53
C TYR B 117 16.73 -8.23 8.63
N TYR B 118 15.94 -7.20 8.85
CA TYR B 118 14.67 -7.01 8.19
C TYR B 118 14.71 -5.72 7.33
N GLU B 119 14.44 -5.88 6.04
N GLU B 119 14.29 -5.87 6.08
CA GLU B 119 14.23 -4.74 5.16
CA GLU B 119 14.32 -4.80 5.09
C GLU B 119 12.90 -4.94 4.45
C GLU B 119 13.00 -4.91 4.29
N ASN B 120 12.20 -3.85 4.26
CA ASN B 120 10.94 -3.92 3.57
C ASN B 120 10.60 -2.55 2.95
N HIS B 121 9.60 -2.58 2.08
CA HIS B 121 9.08 -1.42 1.41
C HIS B 121 7.63 -1.25 1.84
N PHE B 122 7.31 -0.04 2.21
CA PHE B 122 6.07 0.28 2.91
C PHE B 122 5.27 1.35 2.24
N LEU B 123 3.96 1.18 2.31
N LEU B 123 3.96 1.19 2.30
CA LEU B 123 3.00 2.26 2.15
CA LEU B 123 3.03 2.29 2.15
C LEU B 123 2.33 2.51 3.49
C LEU B 123 2.32 2.52 3.47
N HIS B 124 2.26 3.79 3.87
CA HIS B 124 1.54 4.20 5.08
C HIS B 124 0.39 5.09 4.71
N SER B 125 -0.78 4.79 5.25
CA SER B 125 -1.93 5.67 5.18
C SER B 125 -2.05 6.41 6.51
N PHE B 126 -2.21 7.73 6.44
CA PHE B 126 -2.53 8.53 7.61
C PHE B 126 -3.84 9.31 7.41
N GLU B 127 -4.70 9.24 8.42
CA GLU B 127 -5.86 10.09 8.51
C GLU B 127 -5.72 10.92 9.77
N LEU B 128 -5.97 12.21 9.66
CA LEU B 128 -5.74 13.17 10.75
C LEU B 128 -6.96 14.02 11.05
N ASP B 129 -6.93 14.62 12.25
CA ASP B 129 -7.84 15.67 12.67
C ASP B 129 -7.07 16.79 13.32
N ASP B 130 -7.08 17.93 12.62
CA ASP B 130 -6.42 19.17 13.11
C ASP B 130 -5.02 18.94 13.70
N GLY B 131 -4.18 18.25 12.96
CA GLY B 131 -2.79 18.05 13.32
C GLY B 131 -2.49 16.80 14.16
N LYS B 132 -3.53 16.06 14.55
CA LYS B 132 -3.39 14.83 15.32
C LYS B 132 -3.79 13.64 14.48
N ILE B 133 -3.10 12.52 14.67
CA ILE B 133 -3.37 11.31 13.89
C ILE B 133 -4.56 10.53 14.45
N LYS B 134 -5.51 10.25 13.58
CA LYS B 134 -6.62 9.37 13.89
C LYS B 134 -6.28 7.92 13.61
N ARG B 135 -5.69 7.70 12.43
CA ARG B 135 -5.35 6.35 12.03
C ARG B 135 -4.09 6.34 11.18
N ASN B 136 -3.16 5.43 11.51
N ASN B 136 -3.20 5.40 11.48
CA ASN B 136 -2.07 5.01 10.64
CA ASN B 136 -2.15 5.04 10.55
C ASN B 136 -2.35 3.55 10.23
C ASN B 136 -2.19 3.54 10.24
N ARG B 137 -2.16 3.25 8.95
CA ARG B 137 -2.20 1.85 8.47
C ARG B 137 -0.94 1.58 7.66
N GLU B 138 -0.23 0.50 8.01
CA GLU B 138 0.98 0.04 7.31
C GLU B 138 0.65 -1.08 6.33
N PHE B 139 1.20 -0.96 5.13
CA PHE B 139 1.10 -1.97 4.07
C PHE B 139 2.50 -2.29 3.58
N MSE B 140 2.87 -3.56 3.57
CA MSE B 140 4.20 -3.95 3.18
C MSE B 140 4.20 -5.27 2.47
O MSE B 140 3.15 -5.89 2.32
CB MSE B 140 5.16 -3.90 4.38
CG MSE B 140 4.71 -4.58 5.68
SE MSE B 140 4.39 -6.47 5.49
CE MSE B 140 4.75 -7.09 7.30
N ASN B 141 5.38 -5.70 2.03
CA ASN B 141 5.50 -6.98 1.37
C ASN B 141 5.77 -8.07 2.41
N VAL B 142 4.77 -8.87 2.70
N VAL B 142 4.74 -8.85 2.69
CA VAL B 142 4.84 -9.85 3.79
CA VAL B 142 4.76 -9.87 3.74
C VAL B 142 5.99 -10.84 3.62
C VAL B 142 5.86 -10.93 3.62
N PHE B 143 6.32 -11.18 2.36
N PHE B 143 6.38 -11.13 2.41
CA PHE B 143 7.42 -12.10 2.09
CA PHE B 143 7.45 -12.11 2.18
C PHE B 143 8.74 -11.60 2.72
C PHE B 143 8.83 -11.60 2.61
N GLN B 144 8.96 -10.28 2.71
CA GLN B 144 10.20 -9.71 3.27
C GLN B 144 10.37 -10.02 4.75
N GLN B 145 9.26 -10.04 5.48
CA GLN B 145 9.30 -10.41 6.88
C GLN B 145 9.58 -11.90 7.08
N LEU B 146 9.00 -12.74 6.23
CA LEU B 146 9.38 -14.17 6.24
C LEU B 146 10.90 -14.34 6.05
N ARG B 147 11.46 -13.64 5.06
CA ARG B 147 12.89 -13.74 4.78
C ARG B 147 13.71 -13.35 6.02
N ALA B 148 13.34 -12.24 6.63
CA ALA B 148 14.00 -11.73 7.83
C ALA B 148 14.00 -12.75 8.98
N LEU B 149 12.93 -13.53 9.09
CA LEU B 149 12.76 -14.53 10.17
C LEU B 149 13.26 -15.91 9.79
N SER B 150 13.95 -16.00 8.66
CA SER B 150 14.49 -17.26 8.15
C SER B 150 13.40 -18.30 7.86
N ILE B 151 12.20 -17.84 7.55
CA ILE B 151 11.09 -18.72 7.12
C ILE B 151 11.17 -18.85 5.59
N PRO B 152 11.17 -20.09 5.08
CA PRO B 152 11.21 -20.25 3.63
C PRO B 152 10.02 -19.61 2.90
N VAL B 153 10.30 -18.91 1.81
CA VAL B 153 9.34 -18.16 1.02
C VAL B 153 8.92 -19.02 -0.19
N PRO B 154 7.61 -19.27 -0.34
CA PRO B 154 7.20 -19.98 -1.57
C PRO B 154 7.47 -19.18 -2.86
N GLN B 155 7.82 -19.87 -3.93
CA GLN B 155 8.01 -19.21 -5.22
C GLN B 155 6.76 -19.44 -6.07
N ILE B 156 6.14 -18.35 -6.50
CA ILE B 156 4.92 -18.44 -7.33
C ILE B 156 5.35 -18.47 -8.80
N LYS B 157 5.06 -19.56 -9.47
CA LYS B 157 5.32 -19.69 -10.91
C LYS B 157 4.18 -19.03 -11.71
N ARG B 158 4.53 -18.06 -12.56
CA ARG B 158 3.55 -17.34 -13.39
C ARG B 158 3.77 -17.71 -14.85
N GLU B 159 3.33 -18.92 -15.21
CA GLU B 159 3.64 -19.52 -16.53
C GLU B 159 3.10 -18.65 -17.66
N GLY B 160 4.00 -18.26 -18.56
CA GLY B 160 3.67 -17.45 -19.72
C GLY B 160 3.56 -15.95 -19.52
N ILE B 161 3.83 -15.45 -18.31
CA ILE B 161 3.66 -14.01 -18.05
C ILE B 161 4.53 -13.22 -19.06
N PRO B 162 3.92 -12.31 -19.86
CA PRO B 162 4.74 -11.39 -20.67
C PRO B 162 5.22 -10.25 -19.83
N THR B 163 6.50 -9.91 -19.94
CA THR B 163 7.14 -8.87 -19.12
C THR B 163 8.15 -8.06 -19.96
O1 UNL C . -0.27 -9.02 -11.12
O2 UNL C . 0.17 -7.98 -11.99
O3 UNL C . 1.30 -8.17 -12.84
O4 UNL C . 2.00 -9.41 -12.84
O5 UNL C . 1.55 -10.45 -11.99
O6 UNL C . 0.41 -10.28 -11.12
O7 UNL C . 0.02 -11.32 -10.28
O8 UNL C . -0.86 -11.15 -9.27
O9 UNL C . 0.57 -12.55 -10.40
O1 UNL D . 4.12 -4.06 12.34
O2 UNL D . 3.24 -3.05 12.82
O3 UNL D . 2.32 -3.34 13.86
O4 UNL D . 2.27 -4.65 14.42
O5 UNL D . 3.14 -5.66 13.93
O6 UNL D . 4.08 -5.39 12.88
O7 UNL D . 4.94 -6.40 12.40
O8 UNL D . 5.65 -6.34 11.18
O9 UNL D . 5.13 -7.59 13.10
C1 GOL E . -8.01 -15.66 -0.99
O1 GOL E . -7.75 -14.92 -2.15
C2 GOL E . -9.48 -15.67 -0.68
O2 GOL E . -10.15 -16.50 -1.58
C3 GOL E . -9.70 -16.09 0.77
O3 GOL E . -9.72 -14.93 1.58
C1 GOL F . -4.73 -8.44 -10.34
O1 GOL F . -3.57 -8.06 -9.62
C2 GOL F . -4.35 -8.88 -11.74
O2 GOL F . -3.43 -7.96 -12.28
C3 GOL F . -5.62 -8.98 -12.60
O3 GOL F . -5.82 -7.83 -13.40
C1 GOL G . -0.26 -3.78 -13.85
O1 GOL G . -0.02 -4.89 -13.04
C2 GOL G . -0.66 -4.26 -15.26
O2 GOL G . -0.13 -5.54 -15.55
C3 GOL G . -0.22 -3.25 -16.29
O3 GOL G . -1.10 -2.14 -16.32
C1 GOL H . 6.87 12.66 -2.95
O1 GOL H . 8.10 12.12 -3.42
C2 GOL H . 6.19 13.40 -4.11
O2 GOL H . 7.14 14.25 -4.75
C3 GOL H . 5.04 14.21 -3.55
O3 GOL H . 4.66 15.22 -4.45
C1 GOL I . 2.42 0.39 13.74
O1 GOL I . 3.12 -0.05 14.88
C2 GOL I . 1.29 1.33 14.17
O2 GOL I . 0.81 1.97 12.99
C3 GOL I . 1.66 2.29 15.34
O3 GOL I . 1.44 3.69 15.10
C1 GOL J . 7.95 12.51 18.04
O1 GOL J . 7.34 11.31 17.73
C2 GOL J . 7.69 12.68 19.52
O2 GOL J . 8.26 11.52 20.13
C3 GOL J . 6.16 12.77 19.72
O3 GOL J . 5.82 13.82 20.61
C1 GOL K . 7.90 -2.22 11.18
O1 GOL K . 6.69 -2.46 10.47
C2 GOL K . 7.56 -2.02 12.62
O2 GOL K . 6.39 -1.21 12.63
C3 GOL K . 8.74 -1.33 13.31
O3 GOL K . 8.30 -0.09 13.78
#